data_3QMC
#
_entry.id   3QMC
#
_cell.length_a   30.545
_cell.length_b   75.016
_cell.length_c   126.282
_cell.angle_alpha   90.000
_cell.angle_beta   90.000
_cell.angle_gamma   90.000
#
_symmetry.space_group_name_H-M   'C 2 2 21'
#
loop_
_entity.id
_entity.type
_entity.pdbx_description
1 polymer 'CpG-binding protein'
2 polymer "5'-D(*GP*CP*CP*AP*CP*CP*GP*CP*TP*GP*GP*C)-3'"
3 polymer "5'-D(*GP*CP*CP*AP*GP*CP*GP*GP*TP*GP*GP*C)-3'"
4 non-polymer 'ZINC ION'
5 water water
#
loop_
_entity_poly.entity_id
_entity_poly.type
_entity_poly.pdbx_seq_one_letter_code
_entity_poly.pdbx_strand_id
1 'polypeptide(L)' MHHHHHHSSRENLYFQGQIKRSARMCGECEACRRTEDCGHCDFCRDMKKFGGPNKIRQKCRLRQCQLRARESYKYFPSS A
2 'polydeoxyribonucleotide' (DG)(DC)(DC)(DA)(DC)(DC)(DG)(DC)(DT)(DG)(DG)(DC) B
3 'polydeoxyribonucleotide' (DG)(DC)(DC)(DA)(DG)(DC)(DG)(DG)(DT)(DG)(DG)(DC) C
#
loop_
_chem_comp.id
_chem_comp.type
_chem_comp.name
_chem_comp.formula
DA DNA linking 2'-DEOXYADENOSINE-5'-MONOPHOSPHATE 'C10 H14 N5 O6 P'
DC DNA linking 2'-DEOXYCYTIDINE-5'-MONOPHOSPHATE 'C9 H14 N3 O7 P'
DG DNA linking 2'-DEOXYGUANOSINE-5'-MONOPHOSPHATE 'C10 H14 N5 O7 P'
DT DNA linking THYMIDINE-5'-MONOPHOSPHATE 'C10 H15 N2 O8 P'
ZN non-polymer 'ZINC ION' 'Zn 2'
#
# COMPACT_ATOMS: atom_id res chain seq x y z
N SER A 22 9.60 3.98 10.67
CA SER A 22 9.71 4.96 9.53
C SER A 22 8.70 6.13 9.61
N ALA A 23 8.96 7.18 8.82
CA ALA A 23 8.05 8.33 8.64
C ALA A 23 6.56 7.96 8.44
N ARG A 24 6.32 7.02 7.52
CA ARG A 24 4.95 6.60 7.18
C ARG A 24 4.57 5.19 7.66
N MET A 25 5.44 4.61 8.50
CA MET A 25 5.22 3.25 9.01
C MET A 25 5.44 3.16 10.51
N CYS A 26 4.40 2.74 11.23
CA CYS A 26 4.50 2.49 12.67
C CYS A 26 5.19 1.15 12.91
N GLY A 27 5.20 0.29 11.87
CA GLY A 27 5.82 -1.05 11.94
C GLY A 27 5.14 -2.03 12.87
N GLU A 28 3.93 -1.69 13.34
CA GLU A 28 3.26 -2.46 14.39
C GLU A 28 1.78 -2.73 14.18
N CYS A 29 1.20 -2.24 13.09
CA CYS A 29 -0.22 -2.49 12.84
C CYS A 29 -0.34 -3.63 11.82
N GLU A 30 -1.59 -4.05 11.54
CA GLU A 30 -1.87 -5.13 10.57
C GLU A 30 -1.30 -4.77 9.19
N ALA A 31 -1.53 -3.52 8.76
CA ALA A 31 -1.08 -3.00 7.46
C ALA A 31 0.45 -3.00 7.34
N CYS A 32 1.13 -2.54 8.41
CA CYS A 32 2.60 -2.62 8.48
C CYS A 32 3.17 -4.05 8.44
N ARG A 33 2.45 -5.02 9.00
CA ARG A 33 2.95 -6.38 9.00
C ARG A 33 2.68 -7.16 7.69
N ARG A 34 1.78 -6.65 6.84
CA ARG A 34 1.41 -7.34 5.61
CA ARG A 34 1.39 -7.30 5.59
C ARG A 34 2.58 -7.35 4.63
N THR A 35 2.81 -8.52 4.03
CA THR A 35 3.86 -8.65 2.99
C THR A 35 3.28 -8.78 1.58
N GLU A 36 2.03 -9.23 1.48
CA GLU A 36 1.43 -9.54 0.18
C GLU A 36 0.49 -8.43 -0.29
N ASP A 37 0.74 -7.93 -1.50
CA ASP A 37 -0.17 -6.95 -2.14
C ASP A 37 -1.46 -7.65 -2.53
N CYS A 38 -2.58 -6.93 -2.41
CA CYS A 38 -3.90 -7.52 -2.62
C CYS A 38 -4.16 -7.81 -4.10
N GLY A 39 -3.57 -6.98 -4.98
CA GLY A 39 -3.68 -7.16 -6.42
C GLY A 39 -4.93 -6.58 -7.05
N HIS A 40 -5.79 -5.94 -6.24
CA HIS A 40 -7.10 -5.51 -6.72
C HIS A 40 -7.42 -4.02 -6.51
N CYS A 41 -6.74 -3.38 -5.57
CA CYS A 41 -6.96 -1.96 -5.27
C CYS A 41 -6.36 -1.06 -6.36
N ASP A 42 -6.71 0.23 -6.36
CA ASP A 42 -6.20 1.16 -7.37
C ASP A 42 -4.65 1.19 -7.42
N PHE A 43 -4.03 1.21 -6.23
CA PHE A 43 -2.57 1.22 -6.11
C PHE A 43 -1.89 -0.04 -6.67
N CYS A 44 -2.44 -1.22 -6.39
CA CYS A 44 -1.91 -2.48 -6.91
C CYS A 44 -2.03 -2.53 -8.43
N ARG A 45 -3.22 -2.21 -8.94
CA ARG A 45 -3.46 -2.21 -10.39
C ARG A 45 -2.53 -1.25 -11.16
N ASP A 46 -2.08 -0.17 -10.48
CA ASP A 46 -1.08 0.72 -11.06
C ASP A 46 0.31 0.06 -11.20
N MET A 47 0.61 -0.95 -10.40
CA MET A 47 1.94 -1.56 -10.39
C MET A 47 2.26 -2.36 -11.66
N LYS A 48 3.52 -2.30 -12.09
CA LYS A 48 4.06 -3.13 -13.17
C LYS A 48 3.81 -4.63 -12.92
N LYS A 49 3.96 -5.07 -11.66
CA LYS A 49 3.75 -6.50 -11.34
C LYS A 49 2.31 -6.97 -11.57
N PHE A 50 1.39 -6.02 -11.70
CA PHE A 50 -0.01 -6.31 -12.01
C PHE A 50 -0.44 -5.74 -13.36
N GLY A 51 0.52 -5.36 -14.18
CA GLY A 51 0.25 -4.95 -15.56
C GLY A 51 -0.09 -3.50 -15.73
N GLY A 52 0.15 -2.69 -14.69
CA GLY A 52 -0.20 -1.28 -14.71
C GLY A 52 0.91 -0.38 -15.22
N PRO A 53 0.61 0.91 -15.41
CA PRO A 53 1.59 1.84 -15.99
C PRO A 53 2.63 2.43 -15.01
N ASN A 54 2.51 2.14 -13.71
CA ASN A 54 3.38 2.78 -12.70
C ASN A 54 3.31 4.32 -12.72
N LYS A 55 2.08 4.85 -12.73
CA LYS A 55 1.86 6.30 -12.79
C LYS A 55 1.48 6.91 -11.42
N ILE A 56 0.92 6.09 -10.54
CA ILE A 56 0.53 6.48 -9.18
C ILE A 56 1.67 6.24 -8.16
N ARG A 57 2.27 5.04 -8.20
CA ARG A 57 3.48 4.73 -7.42
C ARG A 57 3.28 4.76 -5.90
N GLN A 58 2.20 4.14 -5.43
CA GLN A 58 1.95 4.00 -3.98
C GLN A 58 1.80 2.53 -3.57
N LYS A 59 2.02 2.25 -2.29
CA LYS A 59 1.82 0.90 -1.71
C LYS A 59 0.36 0.47 -1.81
N CYS A 60 0.15 -0.84 -1.94
CA CYS A 60 -1.17 -1.45 -1.76
C CYS A 60 -1.95 -0.83 -0.61
N ARG A 61 -3.23 -0.59 -0.85
CA ARG A 61 -4.10 0.02 0.15
C ARG A 61 -4.15 -0.77 1.46
N LEU A 62 -4.04 -2.10 1.37
CA LEU A 62 -4.01 -2.94 2.58
C LEU A 62 -2.70 -2.81 3.35
N ARG A 63 -1.68 -2.27 2.71
CA ARG A 63 -0.37 -2.10 3.34
C ARG A 63 -0.08 -0.66 3.79
N GLN A 64 -1.09 0.21 3.68
CA GLN A 64 -0.95 1.61 4.10
C GLN A 64 -1.11 1.68 5.63
N CYS A 65 -0.06 2.09 6.33
CA CYS A 65 -0.07 2.13 7.79
C CYS A 65 -1.32 2.82 8.31
N GLN A 66 -2.04 2.14 9.22
CA GLN A 66 -3.29 2.64 9.78
C GLN A 66 -3.07 3.87 10.65
N LEU A 67 -1.89 3.99 11.26
CA LEU A 67 -1.54 5.14 12.10
C LEU A 67 -0.94 6.30 11.30
N ARG A 68 0.04 5.99 10.45
CA ARG A 68 0.90 7.04 9.90
C ARG A 68 0.68 7.45 8.44
N ALA A 69 -0.01 6.61 7.64
CA ALA A 69 -0.18 6.90 6.20
C ALA A 69 -1.09 8.11 5.94
N ARG A 70 -0.94 8.75 4.79
CA ARG A 70 -1.89 9.78 4.34
C ARG A 70 -3.32 9.22 4.40
N GLU A 71 -4.23 10.00 4.98
CA GLU A 71 -5.60 9.53 5.28
C GLU A 71 -6.27 8.95 4.04
N SER A 72 -6.09 9.64 2.91
CA SER A 72 -6.66 9.21 1.63
C SER A 72 -5.97 7.99 0.96
N TYR A 73 -4.96 7.42 1.60
CA TYR A 73 -4.27 6.23 1.02
C TYR A 73 -4.89 4.97 1.58
N LYS A 74 -5.54 5.10 2.72
CA LYS A 74 -6.14 3.97 3.44
C LYS A 74 -7.44 3.47 2.78
ZN ZN D . 1.52 0.73 10.87
ZN ZN E . -3.68 -3.68 -3.16
#